data_9BIR
#
_entry.id   9BIR
#
_cell.length_a   1.00
_cell.length_b   1.00
_cell.length_c   1.00
_cell.angle_alpha   90.00
_cell.angle_beta   90.00
_cell.angle_gamma   90.00
#
_symmetry.space_group_name_H-M   'P 1'
#
loop_
_entity.id
_entity.type
_entity.pdbx_description
1 polymer 'Solute carrier family 15 member 2'
2 polymer nanobody
3 non-polymer Cefadroxil
#
loop_
_entity_poly.entity_id
_entity_poly.type
_entity_poly.pdbx_seq_one_letter_code
_entity_poly.pdbx_strand_id
1 'polypeptide(L)'
;MNPFQKNESKETLFSPVSTEEMLPRPPSPPKKSPPKIFGSSYPVSIAFIVVNEFCERFSYYGMKAVLTLYFLYFLHWNED
TSTSVYHAFSSLCYFTPILGAAIADSWLGKFKTIIYLSLVYVLGHVFKSLGAIPILGGKMLHTILSLVGLSLIALGTGGI
KPCVAAFGGDQFEEEHAEARTRYFSVFYLAINAGSLISTFITPMLRGDVKCFGQDCYALAFGVPGLLMVLALVVFAMGSK
MYRKPPPEGNIVAQVIKCIWFALCNRFRNRSGDLPKRQHWLDWAAEKYPKHLIADVKALTRVLFLYIPLPMFWALLDQQG
SRWTLQANKMNGDLGFFVLQPDQMQVLNPFLVLIFIPLFDLVIYRLISKCRINFSSLRKMAVGMILACLAFAVAALVETK
INGMIHPQPASQEIFLQVLNLADGDVKVTVLGSRNNSLLVESVSSFQNTTHYSKLHLEAKSQDLHFHLKYNSLSVHNDHS
VEEKNCYQLLIHQDGESISSMLVKDTGIKPANGMAAIRFINTLHKDLNISLDTDAPLSVGKDYGVSAYRTVLRGKYPAVH
CETEDKVFSLDLGQLDFGTTYLFVITNITSQGLQAWKAEDIPVNKLSIAWQLPQYVLVTAAEVMFSVTGLEFSYSQAPSS
MKSVLQAAWLLTVAVGNIIVLVVAQFSGLAQWAEFVLFSCLLLVVCLIFSVMAYYYVPLKSEDTREATDKQIPAVQGNMI
NLETKNTRLVEGENLYFQ
;
A
2 'polypeptide(L)'
;GPSQVQLVESGGGLVQPGGSLRLLCVASGRPFNDYDMGWFRQAPGKEREFVASISWSGRVTDYSDSMKGRCTVSRDNAKG
TMFLQMSNLVPRDTAVYYCAAARRRWTFKATNTEEFYETWGQGTQVTVSSA
;
B
#
loop_
_chem_comp.id
_chem_comp.type
_chem_comp.name
_chem_comp.formula
A1APP non-polymer Cefadroxil 'C16 H17 N3 O5 S'
#
# COMPACT_ATOMS: atom_id res chain seq x y z
N PHE A 38 -26.84 -21.01 -11.89
CA PHE A 38 -27.44 -22.22 -12.40
C PHE A 38 -28.56 -22.69 -11.48
N GLY A 39 -29.47 -21.77 -11.15
CA GLY A 39 -30.56 -22.08 -10.24
C GLY A 39 -30.21 -22.02 -8.78
N SER A 40 -28.96 -21.69 -8.43
CA SER A 40 -28.52 -21.66 -7.05
C SER A 40 -28.99 -20.36 -6.40
N SER A 41 -28.51 -20.09 -5.19
CA SER A 41 -28.84 -18.87 -4.48
C SER A 41 -27.93 -17.69 -4.85
N TYR A 42 -26.91 -17.93 -5.67
CA TYR A 42 -25.98 -16.87 -6.05
C TYR A 42 -26.48 -16.22 -7.33
N PRO A 43 -26.78 -14.91 -7.32
CA PRO A 43 -27.19 -14.26 -8.57
C PRO A 43 -26.06 -14.25 -9.58
N VAL A 44 -26.43 -14.26 -10.86
CA VAL A 44 -25.43 -14.14 -11.91
C VAL A 44 -24.72 -12.80 -11.86
N SER A 45 -25.38 -11.79 -11.28
CA SER A 45 -24.82 -10.44 -11.30
C SER A 45 -23.49 -10.35 -10.58
N ILE A 46 -23.30 -11.12 -9.51
CA ILE A 46 -22.02 -11.06 -8.80
C ILE A 46 -20.88 -11.51 -9.70
N ALA A 47 -21.17 -12.35 -10.70
CA ALA A 47 -20.15 -12.74 -11.65
C ALA A 47 -19.51 -11.51 -12.29
N PHE A 48 -20.31 -10.47 -12.54
CA PHE A 48 -19.77 -9.23 -13.08
C PHE A 48 -19.03 -8.41 -12.03
N ILE A 49 -19.46 -8.49 -10.76
CA ILE A 49 -18.82 -7.70 -9.71
C ILE A 49 -17.45 -8.27 -9.38
N VAL A 50 -17.38 -9.57 -9.07
CA VAL A 50 -16.10 -10.18 -8.71
C VAL A 50 -15.10 -9.99 -9.84
N VAL A 51 -15.50 -10.34 -11.06
CA VAL A 51 -14.61 -10.20 -12.21
C VAL A 51 -14.17 -8.75 -12.36
N ASN A 52 -15.02 -7.81 -11.96
CA ASN A 52 -14.60 -6.41 -11.98
C ASN A 52 -13.50 -6.17 -10.96
N GLU A 53 -13.71 -6.59 -9.72
CA GLU A 53 -12.76 -6.25 -8.66
C GLU A 53 -11.38 -6.80 -8.98
N PHE A 54 -11.33 -8.06 -9.41
CA PHE A 54 -10.07 -8.61 -9.91
C PHE A 54 -9.43 -7.65 -10.90
N CYS A 55 -10.13 -7.37 -12.00
CA CYS A 55 -9.57 -6.50 -13.03
C CYS A 55 -9.16 -5.16 -12.45
N GLU A 56 -9.83 -4.71 -11.38
CA GLU A 56 -9.42 -3.48 -10.73
C GLU A 56 -8.12 -3.70 -9.95
N ARG A 57 -8.12 -4.64 -9.00
CA ARG A 57 -6.96 -4.81 -8.14
C ARG A 57 -5.71 -5.05 -8.97
N PHE A 58 -5.78 -6.02 -9.90
CA PHE A 58 -4.72 -6.23 -10.86
C PHE A 58 -4.18 -4.89 -11.35
N SER A 59 -5.04 -4.13 -12.02
CA SER A 59 -4.61 -2.85 -12.58
C SER A 59 -3.94 -2.00 -11.51
N TYR A 60 -4.60 -1.85 -10.36
CA TYR A 60 -4.02 -1.04 -9.29
C TYR A 60 -2.63 -1.53 -8.95
N TYR A 61 -2.49 -2.82 -8.66
CA TYR A 61 -1.19 -3.34 -8.28
C TYR A 61 -0.20 -3.28 -9.44
N GLY A 62 -0.70 -3.24 -10.68
CA GLY A 62 0.18 -3.00 -11.80
C GLY A 62 0.73 -1.59 -11.80
N MET A 63 -0.12 -0.61 -11.48
CA MET A 63 0.31 0.79 -11.52
C MET A 63 1.19 1.13 -10.33
N LYS A 64 0.84 0.63 -9.14
CA LYS A 64 1.60 0.97 -7.95
C LYS A 64 3.03 0.44 -8.02
N ALA A 65 3.20 -0.78 -8.53
CA ALA A 65 4.52 -1.41 -8.52
C ALA A 65 5.56 -0.54 -9.21
N VAL A 66 5.24 -0.09 -10.44
CA VAL A 66 6.18 0.74 -11.18
C VAL A 66 6.31 2.13 -10.59
N LEU A 67 5.33 2.57 -9.80
CA LEU A 67 5.24 3.96 -9.38
C LEU A 67 6.57 4.54 -8.95
N THR A 68 7.17 3.97 -7.91
CA THR A 68 8.40 4.52 -7.36
C THR A 68 9.46 4.64 -8.44
N LEU A 69 9.65 3.60 -9.24
CA LEU A 69 10.65 3.65 -10.30
C LEU A 69 10.37 4.80 -11.25
N TYR A 70 9.10 4.98 -11.62
CA TYR A 70 8.74 6.10 -12.49
C TYR A 70 9.21 7.42 -11.90
N PHE A 71 9.06 7.58 -10.58
CA PHE A 71 9.53 8.81 -9.94
C PHE A 71 11.04 8.95 -10.04
N LEU A 72 11.77 7.85 -9.88
CA LEU A 72 13.21 7.93 -9.72
C LEU A 72 13.93 7.97 -11.06
N TYR A 73 13.52 7.15 -12.02
CA TYR A 73 14.26 6.95 -13.25
C TYR A 73 13.59 7.56 -14.47
N PHE A 74 12.40 8.15 -14.32
CA PHE A 74 11.79 8.94 -15.37
C PHE A 74 11.65 10.41 -14.99
N LEU A 75 11.02 10.69 -13.84
CA LEU A 75 10.92 12.05 -13.35
C LEU A 75 12.18 12.53 -12.65
N HIS A 76 13.11 11.63 -12.33
CA HIS A 76 14.38 11.98 -11.72
C HIS A 76 14.18 12.77 -10.43
N TRP A 77 13.29 12.27 -9.58
CA TRP A 77 13.03 12.88 -8.29
C TRP A 77 13.98 12.31 -7.24
N ASN A 78 14.06 13.01 -6.11
CA ASN A 78 14.80 12.54 -4.96
C ASN A 78 14.34 11.16 -4.54
N GLU A 79 15.15 10.46 -3.75
CA GLU A 79 14.63 9.34 -2.98
C GLU A 79 13.62 9.84 -1.95
N ASP A 80 13.93 10.95 -1.30
CA ASP A 80 13.01 11.52 -0.32
C ASP A 80 11.71 11.95 -0.97
N THR A 81 11.78 12.74 -2.04
CA THR A 81 10.57 13.21 -2.70
C THR A 81 9.76 12.04 -3.28
N SER A 82 10.44 11.09 -3.90
CA SER A 82 9.74 9.95 -4.48
C SER A 82 9.03 9.14 -3.40
N THR A 83 9.72 8.86 -2.30
CA THR A 83 9.12 8.09 -1.22
C THR A 83 7.95 8.85 -0.60
N SER A 84 8.12 10.17 -0.39
CA SER A 84 7.06 10.96 0.20
C SER A 84 5.83 11.00 -0.69
N VAL A 85 6.02 11.15 -2.00
CA VAL A 85 4.88 11.18 -2.91
C VAL A 85 4.20 9.81 -2.95
N TYR A 86 4.98 8.74 -2.94
CA TYR A 86 4.41 7.40 -2.93
C TYR A 86 3.56 7.18 -1.68
N HIS A 87 4.09 7.57 -0.52
CA HIS A 87 3.36 7.37 0.72
C HIS A 87 2.12 8.26 0.79
N ALA A 88 2.22 9.50 0.32
CA ALA A 88 1.06 10.38 0.30
C ALA A 88 -0.02 9.83 -0.61
N PHE A 89 0.36 9.32 -1.78
CA PHE A 89 -0.61 8.72 -2.69
C PHE A 89 -1.28 7.52 -2.04
N SER A 90 -0.50 6.65 -1.38
CA SER A 90 -1.09 5.49 -0.73
C SER A 90 -2.05 5.91 0.37
N SER A 91 -1.67 6.90 1.17
CA SER A 91 -2.55 7.36 2.26
C SER A 91 -3.82 7.96 1.71
N LEU A 92 -3.72 8.74 0.63
CA LEU A 92 -4.93 9.31 0.02
C LEU A 92 -5.84 8.21 -0.52
N CYS A 93 -5.24 7.19 -1.14
CA CYS A 93 -6.03 6.05 -1.60
C CYS A 93 -6.74 5.37 -0.44
N TYR A 94 -6.07 5.30 0.71
CA TYR A 94 -6.67 4.65 1.87
C TYR A 94 -7.75 5.50 2.51
N PHE A 95 -7.66 6.83 2.40
CA PHE A 95 -8.57 7.72 3.11
C PHE A 95 -9.74 8.21 2.27
N THR A 96 -9.66 8.10 0.93
CA THR A 96 -10.78 8.53 0.09
C THR A 96 -12.05 7.69 0.26
N PRO A 97 -12.01 6.44 0.73
CA PRO A 97 -13.26 5.74 1.04
C PRO A 97 -14.26 6.57 1.82
N ILE A 98 -13.82 7.53 2.64
CA ILE A 98 -14.78 8.41 3.32
C ILE A 98 -15.63 9.12 2.30
N LEU A 99 -14.99 9.75 1.31
CA LEU A 99 -15.73 10.44 0.27
C LEU A 99 -16.60 9.48 -0.51
N GLY A 100 -16.05 8.31 -0.85
CA GLY A 100 -16.82 7.36 -1.63
C GLY A 100 -18.10 6.94 -0.95
N ALA A 101 -18.01 6.55 0.33
CA ALA A 101 -19.19 6.10 1.06
C ALA A 101 -20.13 7.25 1.37
N ALA A 102 -19.60 8.44 1.65
CA ALA A 102 -20.45 9.59 1.90
C ALA A 102 -21.29 9.91 0.66
N ILE A 103 -20.69 9.82 -0.53
CA ILE A 103 -21.46 9.99 -1.75
C ILE A 103 -22.49 8.87 -1.88
N ALA A 104 -22.04 7.62 -1.76
CA ALA A 104 -22.91 6.50 -2.09
C ALA A 104 -24.13 6.43 -1.19
N ASP A 105 -23.95 6.62 0.11
CA ASP A 105 -25.03 6.43 1.07
C ASP A 105 -25.88 7.66 1.28
N SER A 106 -25.47 8.81 0.75
CA SER A 106 -26.22 10.05 0.90
C SER A 106 -26.79 10.58 -0.41
N TRP A 107 -26.24 10.19 -1.55
CA TRP A 107 -26.58 10.82 -2.82
C TRP A 107 -26.05 9.97 -3.97
N LEU A 108 -26.90 9.69 -4.95
CA LEU A 108 -26.60 8.90 -6.14
C LEU A 108 -26.59 7.39 -5.86
N GLY A 109 -26.67 6.95 -4.62
CA GLY A 109 -26.64 5.53 -4.33
C GLY A 109 -25.42 4.84 -4.91
N LYS A 110 -25.39 3.52 -4.87
CA LYS A 110 -24.32 2.75 -5.51
C LYS A 110 -24.72 2.40 -6.94
N PHE A 111 -23.72 1.96 -7.71
CA PHE A 111 -23.82 1.73 -9.15
C PHE A 111 -23.85 3.06 -9.91
N LYS A 112 -23.99 4.16 -9.19
CA LYS A 112 -23.76 5.49 -9.75
C LYS A 112 -22.60 6.19 -9.09
N THR A 113 -22.29 5.86 -7.84
CA THR A 113 -21.00 6.20 -7.28
C THR A 113 -19.92 5.34 -7.90
N ILE A 114 -20.18 4.04 -8.05
CA ILE A 114 -19.19 3.14 -8.66
C ILE A 114 -18.92 3.55 -10.09
N ILE A 115 -19.97 3.83 -10.87
CA ILE A 115 -19.80 4.16 -12.28
C ILE A 115 -19.01 5.45 -12.43
N TYR A 116 -19.42 6.51 -11.72
CA TYR A 116 -18.79 7.81 -11.91
C TYR A 116 -17.37 7.81 -11.35
N LEU A 117 -17.15 7.16 -10.21
CA LEU A 117 -15.79 7.10 -9.67
C LEU A 117 -14.90 6.18 -10.48
N SER A 118 -15.46 5.18 -11.18
CA SER A 118 -14.67 4.43 -12.14
C SER A 118 -14.31 5.29 -13.34
N LEU A 119 -15.22 6.16 -13.77
CA LEU A 119 -14.86 7.10 -14.83
C LEU A 119 -13.74 8.03 -14.38
N VAL A 120 -13.81 8.51 -13.13
CA VAL A 120 -12.73 9.34 -12.59
C VAL A 120 -11.43 8.55 -12.53
N TYR A 121 -11.51 7.27 -12.13
CA TYR A 121 -10.33 6.41 -12.10
C TYR A 121 -9.72 6.26 -13.49
N VAL A 122 -10.57 6.06 -14.50
CA VAL A 122 -10.08 5.91 -15.86
C VAL A 122 -9.44 7.20 -16.35
N LEU A 123 -10.03 8.35 -16.01
CA LEU A 123 -9.42 9.62 -16.38
C LEU A 123 -8.07 9.79 -15.70
N GLY A 124 -7.97 9.39 -14.43
CA GLY A 124 -6.68 9.45 -13.76
C GLY A 124 -5.65 8.57 -14.41
N HIS A 125 -6.05 7.36 -14.83
CA HIS A 125 -5.14 6.49 -15.56
C HIS A 125 -4.73 7.11 -16.89
N VAL A 126 -5.66 7.76 -17.57
CA VAL A 126 -5.34 8.43 -18.83
C VAL A 126 -4.29 9.49 -18.62
N PHE A 127 -4.47 10.31 -17.58
CA PHE A 127 -3.48 11.34 -17.27
C PHE A 127 -2.14 10.72 -16.90
N LYS A 128 -2.16 9.66 -16.11
CA LYS A 128 -0.91 9.02 -15.68
C LYS A 128 -0.13 8.50 -16.88
N SER A 129 -0.79 7.72 -17.75
CA SER A 129 -0.12 7.23 -18.95
C SER A 129 0.22 8.37 -19.90
N LEU A 130 -0.66 9.36 -20.02
CA LEU A 130 -0.39 10.49 -20.88
C LEU A 130 0.75 11.34 -20.36
N GLY A 131 0.97 11.34 -19.05
CA GLY A 131 2.05 12.09 -18.45
C GLY A 131 3.36 11.33 -18.34
N ALA A 132 3.45 10.13 -18.94
CA ALA A 132 4.66 9.33 -18.88
C ALA A 132 5.30 9.13 -20.24
N ILE A 133 4.72 9.66 -21.31
CA ILE A 133 5.32 9.60 -22.64
C ILE A 133 6.20 10.84 -22.82
N PRO A 134 7.49 10.70 -23.12
CA PRO A 134 8.39 11.86 -23.09
C PRO A 134 8.35 12.71 -24.35
N ILE A 135 7.33 12.52 -25.20
CA ILE A 135 7.28 13.25 -26.45
C ILE A 135 6.72 14.67 -26.29
N LEU A 136 5.82 14.88 -25.33
CA LEU A 136 5.19 16.18 -25.13
C LEU A 136 5.62 16.76 -23.79
N GLY A 137 6.11 18.00 -23.81
CA GLY A 137 6.57 18.67 -22.61
C GLY A 137 7.69 17.92 -21.93
N GLY A 138 8.21 18.47 -20.83
CA GLY A 138 9.21 17.77 -20.04
C GLY A 138 9.50 18.42 -18.71
N LYS A 139 9.42 17.63 -17.64
CA LYS A 139 9.76 18.05 -16.29
C LYS A 139 8.78 19.09 -15.74
N MET A 140 7.85 19.55 -16.58
CA MET A 140 6.78 20.44 -16.15
C MET A 140 5.41 19.87 -16.45
N LEU A 141 5.19 19.40 -17.68
CA LEU A 141 3.93 18.73 -18.01
C LEU A 141 3.91 17.33 -17.45
N HIS A 142 5.05 16.63 -17.45
CA HIS A 142 5.10 15.29 -16.90
C HIS A 142 4.71 15.28 -15.43
N THR A 143 5.29 16.19 -14.64
CA THR A 143 5.01 16.21 -13.20
C THR A 143 3.55 16.54 -12.93
N ILE A 144 3.02 17.56 -13.59
CA ILE A 144 1.64 17.97 -13.35
C ILE A 144 0.69 16.86 -13.76
N LEU A 145 0.91 16.27 -14.93
CA LEU A 145 0.02 15.21 -15.39
C LEU A 145 0.10 14.00 -14.48
N SER A 146 1.30 13.62 -14.05
CA SER A 146 1.43 12.48 -13.16
C SER A 146 0.73 12.74 -11.83
N LEU A 147 0.89 13.93 -11.26
CA LEU A 147 0.28 14.20 -9.97
C LEU A 147 -1.24 14.27 -10.08
N VAL A 148 -1.76 14.87 -11.15
CA VAL A 148 -3.20 14.92 -11.34
C VAL A 148 -3.76 13.52 -11.54
N GLY A 149 -3.08 12.70 -12.33
CA GLY A 149 -3.52 11.33 -12.52
C GLY A 149 -3.49 10.54 -11.23
N LEU A 150 -2.47 10.75 -10.40
CA LEU A 150 -2.40 10.07 -9.12
C LEU A 150 -3.55 10.49 -8.21
N SER A 151 -3.86 11.79 -8.17
CA SER A 151 -4.97 12.25 -7.36
C SER A 151 -6.29 11.65 -7.83
N LEU A 152 -6.51 11.62 -9.14
CA LEU A 152 -7.74 11.04 -9.66
C LEU A 152 -7.81 9.55 -9.40
N ILE A 153 -6.68 8.86 -9.49
CA ILE A 153 -6.64 7.43 -9.20
C ILE A 153 -7.00 7.18 -7.74
N ALA A 154 -6.46 8.00 -6.84
CA ALA A 154 -6.81 7.85 -5.43
C ALA A 154 -8.29 8.10 -5.20
N LEU A 155 -8.83 9.14 -5.82
CA LEU A 155 -10.26 9.42 -5.69
C LEU A 155 -11.09 8.25 -6.17
N GLY A 156 -10.74 7.69 -7.32
CA GLY A 156 -11.50 6.57 -7.85
C GLY A 156 -11.40 5.33 -6.97
N THR A 157 -10.19 5.00 -6.52
CA THR A 157 -10.00 3.82 -5.68
C THR A 157 -10.79 3.95 -4.38
N GLY A 158 -10.74 5.12 -3.76
CA GLY A 158 -11.52 5.38 -2.56
C GLY A 158 -12.95 5.74 -2.91
N GLY A 159 -13.75 4.73 -3.21
CA GLY A 159 -15.10 4.94 -3.69
C GLY A 159 -15.49 3.87 -4.67
N ILE A 160 -14.50 3.20 -5.26
CA ILE A 160 -14.75 1.90 -5.83
C ILE A 160 -14.50 0.79 -4.81
N LYS A 161 -13.72 1.09 -3.74
CA LYS A 161 -13.44 0.04 -2.76
C LYS A 161 -14.66 -0.30 -1.91
N PRO A 162 -15.27 0.63 -1.18
CA PRO A 162 -16.39 0.24 -0.31
C PRO A 162 -17.68 -0.02 -1.08
N CYS A 163 -17.95 0.80 -2.10
CA CYS A 163 -19.21 0.71 -2.81
C CYS A 163 -19.37 -0.61 -3.53
N VAL A 164 -18.28 -1.13 -4.11
CA VAL A 164 -18.37 -2.37 -4.86
C VAL A 164 -18.69 -3.53 -3.93
N ALA A 165 -18.02 -3.59 -2.78
CA ALA A 165 -18.29 -4.66 -1.82
C ALA A 165 -19.72 -4.55 -1.28
N ALA A 166 -20.15 -3.34 -0.93
CA ALA A 166 -21.51 -3.17 -0.43
C ALA A 166 -22.53 -3.56 -1.49
N PHE A 167 -22.25 -3.22 -2.75
CA PHE A 167 -23.15 -3.56 -3.85
C PHE A 167 -23.27 -5.07 -4.02
N GLY A 168 -22.11 -5.75 -4.09
CA GLY A 168 -22.14 -7.20 -4.19
C GLY A 168 -22.88 -7.86 -3.05
N GLY A 169 -22.68 -7.35 -1.83
CA GLY A 169 -23.45 -7.86 -0.71
C GLY A 169 -24.94 -7.60 -0.87
N ASP A 170 -25.30 -6.43 -1.39
CA ASP A 170 -26.69 -6.07 -1.60
C ASP A 170 -27.35 -6.93 -2.66
N GLN A 171 -26.57 -7.56 -3.54
CA GLN A 171 -27.16 -8.46 -4.53
C GLN A 171 -27.84 -9.66 -3.88
N PHE A 172 -27.52 -9.97 -2.63
CA PHE A 172 -28.07 -11.12 -1.93
C PHE A 172 -29.22 -10.71 -1.03
N GLU A 173 -30.24 -11.58 -0.95
CA GLU A 173 -31.33 -11.36 -0.02
C GLU A 173 -30.84 -11.46 1.42
N GLU A 174 -31.45 -10.67 2.29
CA GLU A 174 -31.03 -10.65 3.69
C GLU A 174 -31.16 -12.02 4.35
N GLU A 175 -32.02 -12.88 3.81
CA GLU A 175 -32.13 -14.25 4.33
C GLU A 175 -30.98 -15.14 3.87
N HIS A 176 -30.25 -14.74 2.84
CA HIS A 176 -29.13 -15.51 2.33
C HIS A 176 -27.81 -15.00 2.91
N ALA A 177 -27.67 -15.14 4.23
CA ALA A 177 -26.42 -14.78 4.89
C ALA A 177 -25.36 -15.87 4.75
N GLU A 178 -25.76 -17.09 4.40
CA GLU A 178 -24.79 -18.16 4.19
C GLU A 178 -24.09 -18.01 2.84
N ALA A 179 -24.82 -17.59 1.82
CA ALA A 179 -24.23 -17.37 0.51
C ALA A 179 -23.44 -16.08 0.45
N ARG A 180 -23.82 -15.08 1.26
CA ARG A 180 -23.10 -13.81 1.25
C ARG A 180 -21.69 -13.97 1.82
N THR A 181 -21.54 -14.82 2.84
CA THR A 181 -20.20 -15.10 3.35
C THR A 181 -19.32 -15.72 2.28
N ARG A 182 -19.87 -16.67 1.52
CA ARG A 182 -19.10 -17.27 0.43
C ARG A 182 -18.78 -16.25 -0.64
N TYR A 183 -19.71 -15.34 -0.93
CA TYR A 183 -19.44 -14.28 -1.88
C TYR A 183 -18.29 -13.40 -1.42
N PHE A 184 -18.27 -13.05 -0.14
CA PHE A 184 -17.18 -12.22 0.39
C PHE A 184 -15.86 -12.98 0.36
N SER A 185 -15.89 -14.28 0.62
CA SER A 185 -14.68 -15.08 0.49
C SER A 185 -14.16 -15.06 -0.93
N VAL A 186 -15.05 -15.22 -1.91
CA VAL A 186 -14.63 -15.16 -3.31
C VAL A 186 -14.17 -13.76 -3.68
N PHE A 187 -14.74 -12.72 -3.07
CA PHE A 187 -14.31 -11.35 -3.30
C PHE A 187 -12.86 -11.16 -2.85
N TYR A 188 -12.55 -11.61 -1.63
CA TYR A 188 -11.18 -11.53 -1.14
C TYR A 188 -10.25 -12.39 -2.01
N LEU A 189 -10.74 -13.54 -2.45
CA LEU A 189 -9.96 -14.40 -3.34
C LEU A 189 -9.62 -13.69 -4.64
N ALA A 190 -10.60 -12.99 -5.22
CA ALA A 190 -10.34 -12.23 -6.45
C ALA A 190 -9.35 -11.11 -6.20
N ILE A 191 -9.46 -10.42 -5.07
CA ILE A 191 -8.50 -9.37 -4.75
C ILE A 191 -7.09 -9.95 -4.71
N ASN A 192 -6.90 -11.06 -3.99
CA ASN A 192 -5.56 -11.63 -3.84
C ASN A 192 -5.06 -12.23 -5.15
N ALA A 193 -5.95 -12.81 -5.96
CA ALA A 193 -5.55 -13.32 -7.25
C ALA A 193 -5.09 -12.20 -8.16
N GLY A 194 -5.79 -11.07 -8.15
CA GLY A 194 -5.33 -9.92 -8.90
C GLY A 194 -3.98 -9.43 -8.44
N SER A 195 -3.78 -9.37 -7.11
CA SER A 195 -2.48 -8.97 -6.59
C SER A 195 -1.38 -9.92 -7.07
N LEU A 196 -1.63 -11.22 -6.99
CA LEU A 196 -0.62 -12.20 -7.39
C LEU A 196 -0.30 -12.11 -8.88
N ILE A 197 -1.34 -12.03 -9.71
CA ILE A 197 -1.10 -11.96 -11.15
C ILE A 197 -0.40 -10.67 -11.51
N SER A 198 -0.68 -9.57 -10.79
CA SER A 198 0.06 -8.34 -11.01
C SER A 198 1.54 -8.53 -10.67
N THR A 199 1.83 -9.10 -9.49
CA THR A 199 3.22 -9.33 -9.12
C THR A 199 3.93 -10.21 -10.13
N PHE A 200 3.20 -11.11 -10.80
CA PHE A 200 3.83 -12.03 -11.74
C PHE A 200 3.90 -11.50 -13.16
N ILE A 201 3.09 -10.50 -13.53
CA ILE A 201 3.04 -10.02 -14.90
C ILE A 201 3.64 -8.63 -15.07
N THR A 202 3.71 -7.82 -14.02
CA THR A 202 4.21 -6.46 -14.18
C THR A 202 5.65 -6.41 -14.67
N PRO A 203 6.60 -7.18 -14.15
CA PRO A 203 7.97 -7.11 -14.69
C PRO A 203 8.03 -7.40 -16.17
N MET A 204 7.12 -8.22 -16.70
CA MET A 204 7.11 -8.52 -18.12
C MET A 204 6.79 -7.28 -18.95
N LEU A 205 6.18 -6.26 -18.36
CA LEU A 205 5.81 -5.05 -19.11
C LEU A 205 6.90 -4.00 -19.10
N ARG A 206 7.71 -3.96 -18.04
CA ARG A 206 8.77 -2.95 -17.90
C ARG A 206 10.14 -3.49 -18.24
N GLY A 207 10.22 -4.67 -18.85
CA GLY A 207 11.50 -5.29 -19.16
C GLY A 207 11.91 -5.12 -20.61
N ASP A 208 12.93 -4.29 -20.85
CA ASP A 208 13.54 -4.13 -22.17
C ASP A 208 12.49 -3.72 -23.21
N VAL A 209 11.97 -2.51 -23.00
CA VAL A 209 11.02 -1.90 -23.93
C VAL A 209 11.54 -0.51 -24.30
N LYS A 210 11.06 -0.01 -25.43
CA LYS A 210 11.67 1.14 -26.12
C LYS A 210 10.59 2.15 -26.54
N CYS A 211 9.76 2.58 -25.58
CA CYS A 211 8.69 3.51 -25.87
C CYS A 211 9.12 4.61 -26.84
N PHE A 212 10.07 5.45 -26.39
CA PHE A 212 10.61 6.52 -27.24
C PHE A 212 12.08 6.70 -26.83
N GLY A 213 12.95 5.97 -27.49
CA GLY A 213 14.37 6.03 -27.19
C GLY A 213 14.69 5.97 -25.72
N GLN A 214 13.77 5.39 -24.93
CA GLN A 214 13.88 5.42 -23.48
C GLN A 214 12.96 4.35 -22.92
N ASP A 215 13.23 3.95 -21.67
CA ASP A 215 12.42 2.96 -20.99
C ASP A 215 10.94 3.26 -21.19
N CYS A 216 10.13 2.20 -21.31
CA CYS A 216 8.72 2.32 -21.66
C CYS A 216 7.88 2.34 -20.38
N TYR A 217 7.71 3.53 -19.83
CA TYR A 217 6.78 3.73 -18.71
C TYR A 217 5.36 4.01 -19.18
N ALA A 218 5.18 4.34 -20.46
CA ALA A 218 3.84 4.57 -20.98
C ALA A 218 3.04 3.28 -21.00
N LEU A 219 3.68 2.16 -21.30
CA LEU A 219 2.99 0.87 -21.31
C LEU A 219 2.70 0.39 -19.89
N ALA A 220 3.65 0.60 -18.98
CA ALA A 220 3.46 0.16 -17.60
C ALA A 220 2.22 0.76 -16.97
N PHE A 221 1.81 1.94 -17.42
CA PHE A 221 0.58 2.57 -16.95
C PHE A 221 -0.59 2.39 -17.91
N GLY A 222 -0.31 2.18 -19.20
CA GLY A 222 -1.38 1.95 -20.14
C GLY A 222 -2.08 0.62 -19.92
N VAL A 223 -1.31 -0.43 -19.62
CA VAL A 223 -1.91 -1.73 -19.36
C VAL A 223 -2.82 -1.68 -18.13
N PRO A 224 -2.40 -1.13 -16.98
CA PRO A 224 -3.36 -0.93 -15.89
C PRO A 224 -4.56 -0.09 -16.29
N GLY A 225 -4.36 0.94 -17.11
CA GLY A 225 -5.50 1.75 -17.54
C GLY A 225 -6.48 0.94 -18.37
N LEU A 226 -5.97 0.11 -19.26
CA LEU A 226 -6.85 -0.75 -20.07
C LEU A 226 -7.56 -1.77 -19.20
N LEU A 227 -6.88 -2.30 -18.18
CA LEU A 227 -7.53 -3.22 -17.26
C LEU A 227 -8.64 -2.53 -16.48
N MET A 228 -8.41 -1.28 -16.07
CA MET A 228 -9.46 -0.53 -15.39
C MET A 228 -10.65 -0.28 -16.30
N VAL A 229 -10.38 0.06 -17.57
CA VAL A 229 -11.46 0.26 -18.52
C VAL A 229 -12.25 -1.03 -18.72
N LEU A 230 -11.55 -2.16 -18.81
CA LEU A 230 -12.23 -3.45 -18.94
C LEU A 230 -13.07 -3.76 -17.72
N ALA A 231 -12.56 -3.46 -16.52
CA ALA A 231 -13.34 -3.65 -15.30
C ALA A 231 -14.61 -2.82 -15.32
N LEU A 232 -14.48 -1.55 -15.73
CA LEU A 232 -15.66 -0.69 -15.81
C LEU A 232 -16.66 -1.23 -16.82
N VAL A 233 -16.18 -1.71 -17.96
CA VAL A 233 -17.08 -2.22 -19.00
C VAL A 233 -17.82 -3.45 -18.49
N VAL A 234 -17.10 -4.38 -17.86
CA VAL A 234 -17.75 -5.60 -17.38
C VAL A 234 -18.73 -5.29 -16.26
N PHE A 235 -18.40 -4.32 -15.40
CA PHE A 235 -19.35 -3.92 -14.37
C PHE A 235 -20.61 -3.33 -14.97
N ALA A 236 -20.45 -2.41 -15.92
CA ALA A 236 -21.60 -1.75 -16.53
C ALA A 236 -22.41 -2.69 -17.40
N MET A 237 -21.82 -3.79 -17.86
CA MET A 237 -22.56 -4.74 -18.69
C MET A 237 -23.60 -5.53 -17.88
N GLY A 238 -23.47 -5.55 -16.56
CA GLY A 238 -24.41 -6.25 -15.72
C GLY A 238 -25.46 -5.33 -15.13
N SER A 239 -25.66 -4.16 -15.74
CA SER A 239 -26.58 -3.18 -15.19
C SER A 239 -28.00 -3.72 -15.12
N LYS A 240 -28.44 -4.40 -16.18
CA LYS A 240 -29.80 -4.93 -16.22
C LYS A 240 -30.03 -6.04 -15.20
N MET A 241 -28.97 -6.59 -14.62
CA MET A 241 -29.09 -7.69 -13.66
C MET A 241 -28.97 -7.23 -12.21
N TYR A 242 -28.28 -6.14 -11.95
CA TYR A 242 -28.02 -5.71 -10.58
C TYR A 242 -29.33 -5.44 -9.84
N ARG A 243 -29.21 -5.28 -8.52
CA ARG A 243 -30.35 -5.08 -7.65
C ARG A 243 -30.23 -3.71 -6.97
N LYS A 244 -29.95 -2.68 -7.77
CA LYS A 244 -29.69 -1.33 -7.28
C LYS A 244 -30.73 -0.89 -6.26
N PRO A 245 -30.35 -0.75 -4.99
CA PRO A 245 -31.26 -0.16 -4.01
C PRO A 245 -31.05 1.34 -3.91
N PRO A 246 -32.10 2.13 -3.79
CA PRO A 246 -31.94 3.58 -3.79
C PRO A 246 -31.43 4.07 -2.45
N PRO A 247 -30.72 5.21 -2.42
CA PRO A 247 -30.32 5.77 -1.13
C PRO A 247 -31.52 6.25 -0.33
N GLU A 248 -31.35 6.27 0.99
CA GLU A 248 -32.43 6.59 1.91
C GLU A 248 -32.46 8.06 2.31
N GLY A 249 -31.68 8.90 1.65
CA GLY A 249 -31.61 10.32 1.93
C GLY A 249 -30.21 10.71 2.32
N ASN A 250 -30.06 11.92 2.84
CA ASN A 250 -28.77 12.42 3.29
C ASN A 250 -28.42 11.73 4.60
N ILE A 251 -27.96 10.49 4.48
CA ILE A 251 -27.68 9.68 5.66
C ILE A 251 -26.55 10.31 6.48
N VAL A 252 -25.49 10.75 5.82
CA VAL A 252 -24.35 11.32 6.54
C VAL A 252 -24.78 12.58 7.27
N ALA A 253 -25.52 13.46 6.59
CA ALA A 253 -25.95 14.71 7.21
C ALA A 253 -26.88 14.44 8.39
N GLN A 254 -27.84 13.54 8.21
CA GLN A 254 -28.76 13.23 9.31
C GLN A 254 -28.04 12.60 10.49
N VAL A 255 -27.07 11.73 10.21
CA VAL A 255 -26.31 11.10 11.29
C VAL A 255 -25.52 12.16 12.06
N ILE A 256 -24.86 13.06 11.34
CA ILE A 256 -24.07 14.10 12.01
C ILE A 256 -24.98 14.99 12.83
N LYS A 257 -26.12 15.39 12.27
CA LYS A 257 -27.04 16.25 13.00
C LYS A 257 -27.58 15.55 14.24
N CYS A 258 -27.92 14.26 14.13
CA CYS A 258 -28.43 13.52 15.27
C CYS A 258 -27.39 13.42 16.37
N ILE A 259 -26.14 13.11 16.00
CA ILE A 259 -25.09 12.99 17.01
C ILE A 259 -24.84 14.35 17.67
N TRP A 260 -24.81 15.42 16.89
CA TRP A 260 -24.58 16.74 17.46
C TRP A 260 -25.70 17.12 18.41
N PHE A 261 -26.95 16.88 18.02
CA PHE A 261 -28.07 17.20 18.90
C PHE A 261 -28.02 16.36 20.17
N ALA A 262 -27.66 15.09 20.05
CA ALA A 262 -27.56 14.23 21.22
C ALA A 262 -26.50 14.75 22.19
N LEU A 263 -25.33 15.13 21.66
CA LEU A 263 -24.25 15.59 22.52
C LEU A 263 -24.48 16.99 23.04
N CYS A 264 -25.36 17.77 22.40
CA CYS A 264 -25.68 19.10 22.89
C CYS A 264 -26.84 19.12 23.87
N ASN A 265 -27.74 18.13 23.79
CA ASN A 265 -28.92 18.15 24.64
C ASN A 265 -28.63 17.73 26.07
N ARG A 266 -27.67 16.84 26.30
CA ARG A 266 -27.36 16.44 27.67
C ARG A 266 -26.75 17.57 28.48
N PHE A 267 -26.35 18.67 27.87
CA PHE A 267 -25.69 19.74 28.61
C PHE A 267 -26.68 20.45 29.49
N ARG A 268 -27.17 19.76 30.53
CA ARG A 268 -28.01 20.37 31.56
C ARG A 268 -27.13 20.72 32.76
N ASN A 269 -26.34 21.79 32.58
CA ASN A 269 -25.31 22.13 33.55
C ASN A 269 -25.92 22.49 34.90
N ARG A 270 -26.71 23.56 34.94
CA ARG A 270 -27.27 24.08 36.19
C ARG A 270 -28.65 23.53 36.51
N SER A 271 -29.20 22.66 35.66
CA SER A 271 -30.53 22.13 35.86
C SER A 271 -30.63 20.79 35.14
N GLY A 272 -31.84 20.30 34.97
CA GLY A 272 -32.09 19.09 34.19
C GLY A 272 -32.40 17.91 35.09
N ASP A 273 -33.24 17.00 34.57
CA ASP A 273 -33.56 15.77 35.28
C ASP A 273 -33.45 14.52 34.42
N LEU A 274 -33.64 14.62 33.10
CA LEU A 274 -33.52 13.49 32.19
C LEU A 274 -32.80 13.93 30.92
N PRO A 275 -31.50 14.24 31.00
CA PRO A 275 -30.78 14.69 29.80
C PRO A 275 -30.84 13.67 28.68
N LYS A 276 -30.34 12.46 28.93
CA LYS A 276 -30.60 11.32 28.05
C LYS A 276 -30.31 10.04 28.82
N ARG A 277 -31.33 9.23 29.02
CA ARG A 277 -31.28 8.04 29.87
C ARG A 277 -31.30 6.78 29.01
N GLN A 278 -30.64 5.74 29.50
CA GLN A 278 -30.53 4.42 28.90
C GLN A 278 -29.58 4.41 27.70
N HIS A 279 -29.10 5.57 27.25
CA HIS A 279 -28.15 5.68 26.16
C HIS A 279 -27.85 7.16 26.00
N TRP A 280 -26.83 7.47 25.19
CA TRP A 280 -26.51 8.84 24.86
C TRP A 280 -27.20 9.30 23.57
N LEU A 281 -28.14 8.51 23.06
CA LEU A 281 -28.94 8.88 21.90
C LEU A 281 -30.43 8.83 22.19
N ASP A 282 -30.85 8.46 23.40
CA ASP A 282 -32.26 8.19 23.65
C ASP A 282 -33.10 9.45 23.77
N TRP A 283 -32.52 10.55 24.25
CA TRP A 283 -33.23 11.82 24.30
C TRP A 283 -32.75 12.80 23.24
N ALA A 284 -32.05 12.32 22.22
CA ALA A 284 -31.97 13.04 20.96
C ALA A 284 -33.12 12.60 20.06
N ALA A 285 -34.32 12.61 20.63
CA ALA A 285 -35.51 12.07 20.01
C ALA A 285 -36.62 13.09 19.85
N GLU A 286 -36.46 14.30 20.39
CA GLU A 286 -37.41 15.35 20.09
C GLU A 286 -37.48 15.60 18.59
N LYS A 287 -36.40 15.28 17.88
CA LYS A 287 -36.41 15.15 16.42
C LYS A 287 -35.74 13.84 16.08
N TYR A 288 -35.50 13.58 14.79
CA TYR A 288 -34.77 12.37 14.41
C TYR A 288 -35.49 11.12 14.91
N PRO A 289 -36.61 10.73 14.28
CA PRO A 289 -37.39 9.59 14.79
C PRO A 289 -36.57 8.35 15.03
N LYS A 290 -37.17 7.37 15.72
CA LYS A 290 -36.42 6.21 16.19
C LYS A 290 -35.76 5.45 15.04
N HIS A 291 -36.36 5.48 13.84
CA HIS A 291 -35.78 4.74 12.74
C HIS A 291 -34.39 5.23 12.36
N LEU A 292 -34.05 6.46 12.75
CA LEU A 292 -32.70 7.00 12.55
C LEU A 292 -31.83 6.87 13.80
N ILE A 293 -32.43 7.01 14.98
CA ILE A 293 -31.67 6.83 16.22
C ILE A 293 -31.11 5.42 16.28
N ALA A 294 -31.89 4.42 15.86
CA ALA A 294 -31.40 3.04 15.88
C ALA A 294 -30.22 2.86 14.94
N ASP A 295 -30.29 3.44 13.74
CA ASP A 295 -29.18 3.31 12.79
C ASP A 295 -27.93 4.00 13.31
N VAL A 296 -28.09 5.18 13.91
CA VAL A 296 -26.94 5.86 14.49
C VAL A 296 -26.36 5.04 15.64
N LYS A 297 -27.22 4.41 16.43
CA LYS A 297 -26.76 3.55 17.52
C LYS A 297 -25.93 2.40 16.98
N ALA A 298 -26.42 1.74 15.92
CA ALA A 298 -25.68 0.62 15.34
C ALA A 298 -24.34 1.08 14.79
N LEU A 299 -24.32 2.20 14.08
CA LEU A 299 -23.06 2.72 13.56
C LEU A 299 -22.08 3.00 14.67
N THR A 300 -22.55 3.64 15.75
CA THR A 300 -21.68 3.95 16.87
C THR A 300 -21.14 2.68 17.52
N ARG A 301 -21.99 1.67 17.69
CA ARG A 301 -21.54 0.43 18.30
C ARG A 301 -20.44 -0.22 17.46
N VAL A 302 -20.64 -0.28 16.15
CA VAL A 302 -19.64 -0.92 15.29
C VAL A 302 -18.34 -0.10 15.28
N LEU A 303 -18.45 1.23 15.28
CA LEU A 303 -17.24 2.05 15.33
C LEU A 303 -16.47 1.83 16.62
N PHE A 304 -17.18 1.77 17.75
CA PHE A 304 -16.51 1.48 19.01
C PHE A 304 -15.84 0.11 18.97
N LEU A 305 -16.50 -0.87 18.33
CA LEU A 305 -15.89 -2.18 18.17
C LEU A 305 -14.60 -2.08 17.36
N TYR A 306 -14.60 -1.29 16.29
CA TYR A 306 -13.46 -1.17 15.40
C TYR A 306 -12.35 -0.28 15.96
N ILE A 307 -12.61 0.45 17.04
CA ILE A 307 -11.64 1.37 17.64
C ILE A 307 -10.21 0.82 17.58
N PRO A 308 -9.91 -0.36 18.11
CA PRO A 308 -8.52 -0.82 18.19
C PRO A 308 -7.98 -1.53 16.95
N LEU A 309 -8.71 -1.52 15.83
CA LEU A 309 -8.28 -2.24 14.65
C LEU A 309 -7.10 -1.59 13.93
N PRO A 310 -6.96 -0.26 13.98
CA PRO A 310 -5.74 0.33 13.39
C PRO A 310 -4.46 -0.20 14.00
N MET A 311 -4.45 -0.45 15.31
CA MET A 311 -3.26 -1.03 15.93
C MET A 311 -2.96 -2.42 15.38
N PHE A 312 -4.01 -3.25 15.22
CA PHE A 312 -3.80 -4.57 14.66
C PHE A 312 -3.28 -4.49 13.23
N TRP A 313 -3.84 -3.59 12.43
CA TRP A 313 -3.38 -3.45 11.05
C TRP A 313 -1.93 -2.99 11.00
N ALA A 314 -1.56 -2.03 11.85
CA ALA A 314 -0.18 -1.56 11.88
C ALA A 314 0.77 -2.68 12.29
N LEU A 315 0.41 -3.46 13.32
CA LEU A 315 1.27 -4.53 13.77
C LEU A 315 1.39 -5.63 12.70
N LEU A 316 0.29 -5.95 12.04
CA LEU A 316 0.33 -6.98 11.00
C LEU A 316 1.11 -6.53 9.78
N ASP A 317 1.12 -5.22 9.50
CA ASP A 317 1.87 -4.72 8.36
C ASP A 317 3.37 -4.80 8.56
N GLN A 318 3.84 -5.10 9.77
CA GLN A 318 5.28 -5.26 9.99
C GLN A 318 5.71 -6.67 9.62
N GLN A 319 5.30 -7.13 8.45
CA GLN A 319 5.71 -8.43 7.94
C GLN A 319 6.15 -8.40 6.48
N GLY A 320 5.88 -7.32 5.75
CA GLY A 320 6.41 -7.16 4.41
C GLY A 320 7.77 -6.51 4.36
N SER A 321 8.25 -5.97 5.47
CA SER A 321 9.54 -5.31 5.54
C SER A 321 10.50 -6.00 6.50
N ARG A 322 10.08 -6.24 7.74
CA ARG A 322 10.98 -6.87 8.70
C ARG A 322 11.28 -8.32 8.31
N TRP A 323 10.29 -9.03 7.79
CA TRP A 323 10.52 -10.43 7.42
C TRP A 323 11.41 -10.54 6.20
N THR A 324 11.41 -9.53 5.32
CA THR A 324 12.38 -9.51 4.23
C THR A 324 13.80 -9.38 4.77
N LEU A 325 13.99 -8.52 5.77
CA LEU A 325 15.29 -8.40 6.41
C LEU A 325 15.70 -9.71 7.07
N GLN A 326 14.73 -10.38 7.72
CA GLN A 326 15.04 -11.68 8.31
C GLN A 326 15.43 -12.70 7.25
N ALA A 327 14.73 -12.70 6.11
CA ALA A 327 15.03 -13.63 5.04
C ALA A 327 16.39 -13.34 4.42
N ASN A 328 16.82 -12.08 4.44
CA ASN A 328 18.14 -11.73 3.91
C ASN A 328 19.26 -12.46 4.62
N LYS A 329 19.02 -12.93 5.85
CA LYS A 329 20.05 -13.57 6.66
C LYS A 329 19.90 -15.08 6.75
N MET A 330 19.20 -15.69 5.79
CA MET A 330 19.04 -17.14 5.77
C MET A 330 19.22 -17.65 4.35
N ASN A 331 19.64 -18.91 4.23
CA ASN A 331 19.95 -19.50 2.94
C ASN A 331 18.70 -19.57 2.07
N GLY A 332 18.85 -19.22 0.79
CA GLY A 332 17.73 -19.20 -0.13
C GLY A 332 17.93 -20.00 -1.39
N ASP A 333 18.83 -20.99 -1.33
CA ASP A 333 19.03 -21.86 -2.50
C ASP A 333 17.89 -22.85 -2.66
N LEU A 334 17.38 -23.39 -1.55
CA LEU A 334 16.27 -24.35 -1.56
C LEU A 334 16.63 -25.64 -2.27
N GLY A 335 17.89 -25.79 -2.70
CA GLY A 335 18.34 -26.98 -3.37
C GLY A 335 17.88 -27.14 -4.80
N PHE A 336 16.80 -26.47 -5.20
CA PHE A 336 16.24 -26.60 -6.54
C PHE A 336 16.36 -25.30 -7.33
N PHE A 337 15.83 -24.19 -6.79
CA PHE A 337 15.87 -22.89 -7.44
C PHE A 337 16.28 -21.85 -6.43
N VAL A 338 17.23 -21.00 -6.81
CA VAL A 338 17.68 -19.93 -5.92
C VAL A 338 16.51 -18.98 -5.69
N LEU A 339 16.13 -18.81 -4.42
CA LEU A 339 14.97 -18.02 -4.04
C LEU A 339 15.43 -16.73 -3.37
N GLN A 340 15.24 -15.62 -4.06
CA GLN A 340 15.61 -14.32 -3.50
C GLN A 340 14.69 -13.99 -2.32
N PRO A 341 15.21 -13.36 -1.26
CA PRO A 341 14.33 -13.03 -0.12
C PRO A 341 13.11 -12.22 -0.50
N ASP A 342 13.25 -11.26 -1.42
CA ASP A 342 12.12 -10.41 -1.77
C ASP A 342 10.98 -11.25 -2.35
N GLN A 343 11.30 -12.23 -3.17
CA GLN A 343 10.27 -13.08 -3.76
C GLN A 343 9.43 -13.78 -2.71
N MET A 344 9.96 -13.93 -1.49
CA MET A 344 9.18 -14.58 -0.44
C MET A 344 7.88 -13.83 -0.17
N GLN A 345 7.84 -12.52 -0.47
CA GLN A 345 6.61 -11.77 -0.28
C GLN A 345 5.46 -12.40 -1.06
N VAL A 346 5.75 -12.96 -2.24
CA VAL A 346 4.71 -13.58 -3.05
C VAL A 346 3.98 -14.66 -2.27
N LEU A 347 4.62 -15.24 -1.27
CA LEU A 347 4.00 -16.31 -0.49
C LEU A 347 2.81 -15.82 0.33
N ASN A 348 2.63 -14.50 0.49
CA ASN A 348 1.47 -14.02 1.22
C ASN A 348 0.19 -14.19 0.40
N PRO A 349 0.06 -13.58 -0.78
CA PRO A 349 -1.17 -13.80 -1.57
C PRO A 349 -1.39 -15.27 -1.93
N PHE A 350 -0.35 -15.98 -2.37
CA PHE A 350 -0.52 -17.35 -2.81
C PHE A 350 -1.14 -18.20 -1.71
N LEU A 351 -0.56 -18.15 -0.51
CA LEU A 351 -1.10 -18.94 0.59
C LEU A 351 -2.57 -18.59 0.84
N VAL A 352 -2.92 -17.32 0.68
CA VAL A 352 -4.31 -16.93 0.88
C VAL A 352 -5.21 -17.68 -0.11
N LEU A 353 -4.78 -17.76 -1.38
CA LEU A 353 -5.56 -18.50 -2.36
C LEU A 353 -5.74 -19.95 -1.97
N ILE A 354 -4.87 -20.47 -1.11
CA ILE A 354 -5.01 -21.85 -0.63
C ILE A 354 -5.82 -21.94 0.65
N PHE A 355 -5.91 -20.85 1.42
CA PHE A 355 -6.60 -20.90 2.70
C PHE A 355 -8.06 -20.46 2.60
N ILE A 356 -8.37 -19.50 1.73
CA ILE A 356 -9.76 -19.07 1.57
C ILE A 356 -10.65 -20.23 1.17
N PRO A 357 -10.31 -21.04 0.15
CA PRO A 357 -11.14 -22.21 -0.16
C PRO A 357 -10.99 -23.32 0.87
N LEU A 358 -9.79 -23.46 1.44
CA LEU A 358 -9.58 -24.48 2.45
C LEU A 358 -10.43 -24.21 3.68
N PHE A 359 -10.34 -23.00 4.23
CA PHE A 359 -11.14 -22.64 5.39
C PHE A 359 -12.62 -22.74 5.07
N ASP A 360 -13.08 -21.85 4.19
CA ASP A 360 -14.52 -21.69 3.96
C ASP A 360 -15.18 -23.01 3.58
N LEU A 361 -14.46 -23.90 2.92
CA LEU A 361 -15.03 -25.16 2.48
C LEU A 361 -14.75 -26.33 3.42
N VAL A 362 -13.69 -26.27 4.23
CA VAL A 362 -13.34 -27.42 5.04
C VAL A 362 -13.31 -27.06 6.52
N ILE A 363 -12.34 -26.22 6.91
CA ILE A 363 -12.11 -26.00 8.33
C ILE A 363 -13.37 -25.47 9.01
N TYR A 364 -13.94 -24.40 8.46
CA TYR A 364 -15.17 -23.88 9.03
C TYR A 364 -16.25 -24.95 9.07
N ARG A 365 -16.39 -25.72 7.99
CA ARG A 365 -17.36 -26.80 7.97
C ARG A 365 -17.10 -27.76 9.13
N LEU A 366 -15.84 -28.11 9.34
CA LEU A 366 -15.51 -28.99 10.46
C LEU A 366 -15.90 -28.34 11.78
N ILE A 367 -15.64 -27.04 11.93
CA ILE A 367 -16.01 -26.35 13.15
C ILE A 367 -17.53 -26.36 13.32
N SER A 368 -18.27 -26.45 12.21
CA SER A 368 -19.73 -26.54 12.28
C SER A 368 -20.23 -27.97 12.40
N LYS A 369 -19.34 -28.97 12.26
CA LYS A 369 -19.76 -30.35 12.48
C LYS A 369 -20.18 -30.55 13.93
N CYS A 370 -19.44 -29.98 14.87
CA CYS A 370 -19.73 -30.10 16.29
C CYS A 370 -20.52 -28.88 16.76
N ARG A 371 -20.79 -28.84 18.08
CA ARG A 371 -21.55 -27.75 18.66
C ARG A 371 -20.82 -26.41 18.59
N ILE A 372 -19.52 -26.41 18.29
CA ILE A 372 -18.76 -25.17 18.30
C ILE A 372 -19.47 -24.11 17.47
N ASN A 373 -19.53 -22.89 18.00
CA ASN A 373 -20.22 -21.78 17.36
C ASN A 373 -19.23 -20.64 17.16
N PHE A 374 -18.74 -20.50 15.93
CA PHE A 374 -17.90 -19.38 15.55
C PHE A 374 -18.81 -18.26 15.04
N SER A 375 -18.87 -17.16 15.78
CA SER A 375 -19.89 -16.14 15.59
C SER A 375 -19.40 -14.94 14.81
N SER A 376 -18.36 -15.10 14.00
CA SER A 376 -17.85 -14.03 13.13
C SER A 376 -17.13 -12.95 13.93
N LEU A 377 -17.19 -13.03 15.26
CA LEU A 377 -16.35 -12.23 16.13
C LEU A 377 -15.34 -13.07 16.91
N ARG A 378 -15.62 -14.37 17.08
CA ARG A 378 -14.58 -15.29 17.52
C ARG A 378 -13.59 -15.58 16.41
N LYS A 379 -14.05 -15.56 15.16
CA LYS A 379 -13.14 -15.74 14.04
C LYS A 379 -12.09 -14.64 14.01
N MET A 380 -12.51 -13.39 14.20
CA MET A 380 -11.56 -12.28 14.18
C MET A 380 -10.59 -12.35 15.35
N ALA A 381 -11.09 -12.70 16.54
CA ALA A 381 -10.20 -12.80 17.69
C ALA A 381 -9.18 -13.92 17.51
N VAL A 382 -9.61 -15.07 17.01
CA VAL A 382 -8.67 -16.15 16.78
C VAL A 382 -7.71 -15.81 15.65
N GLY A 383 -8.14 -15.00 14.68
CA GLY A 383 -7.21 -14.51 13.68
C GLY A 383 -6.14 -13.59 14.27
N MET A 384 -6.55 -12.71 15.18
CA MET A 384 -5.58 -11.89 15.89
C MET A 384 -4.60 -12.76 16.66
N ILE A 385 -5.10 -13.82 17.30
CA ILE A 385 -4.23 -14.72 18.04
C ILE A 385 -3.26 -15.42 17.10
N LEU A 386 -3.73 -15.81 15.92
CA LEU A 386 -2.86 -16.45 14.93
C LEU A 386 -1.77 -15.50 14.47
N ALA A 387 -2.11 -14.22 14.29
CA ALA A 387 -1.08 -13.24 13.93
C ALA A 387 -0.06 -13.08 15.05
N CYS A 388 -0.54 -13.05 16.29
CA CYS A 388 0.38 -12.98 17.43
C CYS A 388 1.33 -14.18 17.44
N LEU A 389 0.80 -15.38 17.20
CA LEU A 389 1.64 -16.57 17.15
C LEU A 389 2.60 -16.51 15.96
N ALA A 390 2.16 -15.93 14.84
CA ALA A 390 3.06 -15.78 13.70
C ALA A 390 4.25 -14.92 14.06
N PHE A 391 4.01 -13.81 14.76
CA PHE A 391 5.13 -12.95 15.13
C PHE A 391 5.97 -13.56 16.24
N ALA A 392 5.37 -14.37 17.12
CA ALA A 392 6.16 -15.11 18.10
C ALA A 392 7.08 -16.11 17.40
N VAL A 393 6.58 -16.80 16.38
CA VAL A 393 7.40 -17.73 15.62
C VAL A 393 8.49 -16.98 14.87
N ALA A 394 8.17 -15.79 14.35
CA ALA A 394 9.20 -14.98 13.70
C ALA A 394 10.30 -14.61 14.69
N ALA A 395 9.92 -14.27 15.92
CA ALA A 395 10.93 -13.96 16.95
C ALA A 395 11.78 -15.18 17.27
N LEU A 396 11.15 -16.36 17.36
CA LEU A 396 11.91 -17.57 17.63
C LEU A 396 12.89 -17.86 16.49
N VAL A 397 12.44 -17.68 15.25
CA VAL A 397 13.30 -17.91 14.10
C VAL A 397 14.46 -16.91 14.08
N GLU A 398 14.18 -15.65 14.44
CA GLU A 398 15.25 -14.66 14.53
C GLU A 398 16.26 -15.05 15.60
N THR A 399 15.79 -15.54 16.75
CA THR A 399 16.69 -16.01 17.78
C THR A 399 17.56 -17.16 17.27
N LYS A 400 16.95 -18.10 16.54
CA LYS A 400 17.72 -19.21 15.99
C LYS A 400 18.75 -18.70 14.99
N ILE A 401 18.39 -17.72 14.18
CA ILE A 401 19.35 -17.12 13.25
C ILE A 401 20.52 -16.52 14.01
N ASN A 402 20.22 -15.74 15.05
CA ASN A 402 21.26 -15.11 15.87
C ASN A 402 22.05 -16.12 16.69
N GLY A 403 21.58 -17.37 16.78
CA GLY A 403 22.31 -18.42 17.45
C GLY A 403 23.39 -19.08 16.62
N MET A 404 23.72 -18.50 15.46
CA MET A 404 24.78 -19.06 14.63
C MET A 404 26.11 -19.03 15.37
N ILE A 405 26.90 -20.07 15.15
CA ILE A 405 28.21 -20.18 15.78
C ILE A 405 29.04 -21.27 15.10
N PRO A 602 28.66 -21.06 8.86
CA PRO A 602 27.26 -21.04 9.30
C PRO A 602 26.62 -22.43 9.26
N VAL A 603 27.09 -23.32 10.14
CA VAL A 603 26.56 -24.69 10.16
C VAL A 603 25.08 -24.68 10.50
N ASN A 604 24.68 -23.89 11.50
CA ASN A 604 23.27 -23.75 11.87
C ASN A 604 22.67 -22.53 11.19
N LYS A 605 22.77 -22.51 9.87
CA LYS A 605 22.24 -21.44 9.04
C LYS A 605 20.86 -21.84 8.55
N LEU A 606 19.84 -21.05 8.90
CA LEU A 606 18.48 -21.37 8.51
C LEU A 606 18.30 -21.26 7.01
N SER A 607 17.57 -22.21 6.44
CA SER A 607 17.17 -22.10 5.05
C SER A 607 16.12 -20.99 4.91
N ILE A 608 15.79 -20.66 3.66
CA ILE A 608 14.70 -19.72 3.44
C ILE A 608 13.38 -20.34 3.88
N ALA A 609 13.31 -21.67 3.94
CA ALA A 609 12.25 -22.33 4.69
C ALA A 609 12.45 -21.99 6.16
N TRP A 610 11.54 -22.46 7.03
CA TRP A 610 11.48 -22.04 8.42
C TRP A 610 10.92 -20.62 8.52
N GLN A 611 10.78 -19.95 7.39
CA GLN A 611 9.90 -18.81 7.25
C GLN A 611 8.52 -19.22 6.78
N LEU A 612 8.35 -20.50 6.41
CA LEU A 612 7.04 -20.98 6.02
C LEU A 612 6.05 -20.99 7.17
N PRO A 613 6.40 -21.49 8.37
CA PRO A 613 5.40 -21.53 9.44
C PRO A 613 4.83 -20.17 9.79
N GLN A 614 5.65 -19.13 9.85
CA GLN A 614 5.15 -17.82 10.23
C GLN A 614 4.31 -17.21 9.11
N TYR A 615 4.69 -17.45 7.86
CA TYR A 615 3.86 -17.00 6.75
C TYR A 615 2.51 -17.70 6.76
N VAL A 616 2.50 -19.01 7.05
CA VAL A 616 1.25 -19.75 7.13
C VAL A 616 0.37 -19.19 8.24
N LEU A 617 0.96 -18.93 9.41
CA LEU A 617 0.19 -18.41 10.53
C LEU A 617 -0.38 -17.03 10.22
N VAL A 618 0.45 -16.15 9.65
CA VAL A 618 -0.01 -14.79 9.38
C VAL A 618 -1.06 -14.78 8.29
N THR A 619 -0.93 -15.65 7.29
CA THR A 619 -1.92 -15.71 6.22
C THR A 619 -3.23 -16.30 6.73
N ALA A 620 -3.16 -17.29 7.62
CA ALA A 620 -4.37 -17.81 8.24
C ALA A 620 -5.06 -16.73 9.07
N ALA A 621 -4.27 -15.94 9.82
CA ALA A 621 -4.83 -14.83 10.57
C ALA A 621 -5.52 -13.84 9.64
N GLU A 622 -4.85 -13.49 8.54
CA GLU A 622 -5.43 -12.53 7.60
C GLU A 622 -6.71 -13.07 6.99
N VAL A 623 -6.73 -14.35 6.63
CA VAL A 623 -7.94 -14.94 6.04
C VAL A 623 -9.08 -14.91 7.05
N MET A 624 -8.80 -15.31 8.29
CA MET A 624 -9.86 -15.38 9.29
C MET A 624 -10.29 -14.01 9.78
N PHE A 625 -9.47 -12.98 9.57
CA PHE A 625 -9.80 -11.63 10.01
C PHE A 625 -10.46 -10.78 8.93
N SER A 626 -9.86 -10.68 7.75
CA SER A 626 -10.32 -9.71 6.76
C SER A 626 -11.66 -10.12 6.16
N VAL A 627 -11.82 -11.39 5.78
CA VAL A 627 -13.08 -11.84 5.20
C VAL A 627 -14.20 -11.71 6.22
N THR A 628 -13.94 -12.16 7.45
CA THR A 628 -14.94 -12.05 8.51
C THR A 628 -15.27 -10.60 8.81
N GLY A 629 -14.28 -9.72 8.71
CA GLY A 629 -14.53 -8.30 8.95
C GLY A 629 -15.38 -7.68 7.86
N LEU A 630 -15.15 -8.06 6.61
CA LEU A 630 -16.02 -7.60 5.53
C LEU A 630 -17.45 -8.05 5.78
N GLU A 631 -17.64 -9.34 6.07
CA GLU A 631 -18.98 -9.85 6.31
C GLU A 631 -19.61 -9.18 7.52
N PHE A 632 -18.82 -8.88 8.54
CA PHE A 632 -19.35 -8.26 9.75
C PHE A 632 -19.73 -6.81 9.50
N SER A 633 -18.91 -6.08 8.75
CA SER A 633 -19.23 -4.70 8.41
C SER A 633 -20.50 -4.63 7.58
N TYR A 634 -20.73 -5.64 6.73
CA TYR A 634 -21.96 -5.62 5.95
C TYR A 634 -23.17 -6.05 6.78
N SER A 635 -23.12 -7.26 7.35
CA SER A 635 -24.29 -7.81 8.02
C SER A 635 -24.74 -6.97 9.20
N GLN A 636 -23.83 -6.20 9.80
CA GLN A 636 -24.14 -5.39 10.97
C GLN A 636 -24.41 -3.93 10.62
N ALA A 637 -24.39 -3.58 9.35
CA ALA A 637 -24.62 -2.19 8.94
C ALA A 637 -26.11 -1.95 8.72
N PRO A 638 -26.67 -0.84 9.20
CA PRO A 638 -28.06 -0.53 8.85
C PRO A 638 -28.22 -0.43 7.33
N SER A 639 -29.39 -0.86 6.86
CA SER A 639 -29.61 -0.92 5.41
C SER A 639 -29.35 0.41 4.74
N SER A 640 -29.54 1.52 5.46
CA SER A 640 -29.33 2.84 4.88
C SER A 640 -27.86 3.21 4.78
N MET A 641 -26.98 2.54 5.54
CA MET A 641 -25.56 2.87 5.58
C MET A 641 -24.73 1.60 5.43
N LYS A 642 -25.06 0.80 4.40
CA LYS A 642 -24.31 -0.43 4.17
C LYS A 642 -22.88 -0.14 3.72
N SER A 643 -22.68 0.92 2.94
CA SER A 643 -21.36 1.26 2.44
C SER A 643 -20.61 2.22 3.34
N VAL A 644 -21.19 2.65 4.46
CA VAL A 644 -20.46 3.46 5.42
C VAL A 644 -19.69 2.59 6.39
N LEU A 645 -20.21 1.42 6.75
CA LEU A 645 -19.46 0.51 7.60
C LEU A 645 -18.25 -0.07 6.87
N GLN A 646 -18.39 -0.32 5.58
CA GLN A 646 -17.24 -0.71 4.78
C GLN A 646 -16.19 0.40 4.76
N ALA A 647 -16.65 1.65 4.68
CA ALA A 647 -15.73 2.78 4.76
C ALA A 647 -15.03 2.81 6.12
N ALA A 648 -15.75 2.50 7.20
CA ALA A 648 -15.13 2.45 8.51
C ALA A 648 -14.07 1.36 8.58
N TRP A 649 -14.34 0.20 7.97
CA TRP A 649 -13.35 -0.86 7.88
C TRP A 649 -12.08 -0.38 7.16
N LEU A 650 -12.27 0.18 5.96
CA LEU A 650 -11.14 0.69 5.21
C LEU A 650 -10.43 1.81 5.94
N LEU A 651 -11.15 2.56 6.79
CA LEU A 651 -10.53 3.65 7.54
C LEU A 651 -9.75 3.14 8.73
N THR A 652 -10.16 2.02 9.33
CA THR A 652 -9.28 1.35 10.28
C THR A 652 -7.99 0.95 9.59
N VAL A 653 -8.09 0.43 8.37
CA VAL A 653 -6.88 0.11 7.61
C VAL A 653 -6.04 1.37 7.38
N ALA A 654 -6.70 2.48 7.04
CA ALA A 654 -5.98 3.72 6.76
C ALA A 654 -5.25 4.25 8.00
N VAL A 655 -5.93 4.22 9.15
CA VAL A 655 -5.30 4.68 10.39
C VAL A 655 -4.15 3.76 10.76
N GLY A 656 -4.29 2.45 10.49
CA GLY A 656 -3.16 1.56 10.68
C GLY A 656 -1.98 1.92 9.81
N ASN A 657 -2.25 2.29 8.56
CA ASN A 657 -1.17 2.74 7.68
C ASN A 657 -0.50 4.00 8.21
N ILE A 658 -1.31 4.94 8.72
CA ILE A 658 -0.74 6.16 9.29
C ILE A 658 0.13 5.84 10.51
N ILE A 659 -0.33 4.92 11.35
CA ILE A 659 0.46 4.49 12.50
C ILE A 659 1.79 3.88 12.03
N VAL A 660 1.73 3.06 10.98
CA VAL A 660 2.95 2.47 10.44
C VAL A 660 3.90 3.57 9.97
N LEU A 661 3.38 4.57 9.27
CA LEU A 661 4.21 5.64 8.78
C LEU A 661 4.89 6.38 9.93
N VAL A 662 4.13 6.72 10.97
CA VAL A 662 4.70 7.50 12.07
C VAL A 662 5.71 6.68 12.84
N VAL A 663 5.45 5.39 13.02
CA VAL A 663 6.35 4.55 13.81
C VAL A 663 7.58 4.12 13.02
N ALA A 664 7.53 4.18 11.69
CA ALA A 664 8.68 3.74 10.89
C ALA A 664 9.93 4.52 11.23
N GLN A 665 9.79 5.77 11.68
CA GLN A 665 10.97 6.59 11.97
C GLN A 665 11.63 6.22 13.29
N PHE A 666 11.00 5.37 14.10
CA PHE A 666 11.57 4.90 15.36
C PHE A 666 12.03 3.47 15.18
N SER A 667 13.33 3.23 15.38
CA SER A 667 13.90 1.89 15.27
C SER A 667 15.16 1.85 16.12
N GLY A 668 15.05 1.28 17.32
CA GLY A 668 16.18 1.18 18.21
C GLY A 668 16.21 -0.12 18.99
N LEU A 669 15.49 -1.13 18.50
CA LEU A 669 15.39 -2.42 19.17
C LEU A 669 15.97 -3.51 18.28
N ALA A 670 16.45 -4.57 18.92
CA ALA A 670 16.94 -5.73 18.18
C ALA A 670 15.79 -6.40 17.44
N GLN A 671 16.11 -7.04 16.32
CA GLN A 671 15.07 -7.62 15.48
C GLN A 671 14.26 -8.67 16.25
N TRP A 672 14.93 -9.53 17.01
CA TRP A 672 14.21 -10.51 17.81
C TRP A 672 13.35 -9.82 18.86
N ALA A 673 13.88 -8.78 19.51
CA ALA A 673 13.08 -8.03 20.47
C ALA A 673 11.95 -7.28 19.78
N GLU A 674 12.18 -6.81 18.55
CA GLU A 674 11.11 -6.18 17.79
C GLU A 674 9.96 -7.15 17.55
N PHE A 675 10.28 -8.38 17.15
CA PHE A 675 9.24 -9.37 16.90
C PHE A 675 8.54 -9.78 18.19
N VAL A 676 9.29 -9.92 19.28
CA VAL A 676 8.66 -10.23 20.56
C VAL A 676 7.70 -9.12 20.97
N LEU A 677 8.13 -7.87 20.81
CA LEU A 677 7.27 -6.75 21.16
C LEU A 677 6.03 -6.71 20.28
N PHE A 678 6.18 -7.00 18.98
CA PHE A 678 5.01 -7.03 18.10
C PHE A 678 4.04 -8.13 18.50
N SER A 679 4.57 -9.30 18.86
CA SER A 679 3.69 -10.39 19.30
C SER A 679 2.95 -10.01 20.58
N CYS A 680 3.65 -9.40 21.53
CA CYS A 680 3.00 -8.99 22.77
C CYS A 680 1.95 -7.92 22.52
N LEU A 681 2.25 -6.96 21.64
CA LEU A 681 1.28 -5.92 21.31
C LEU A 681 0.07 -6.51 20.62
N LEU A 682 0.27 -7.48 19.75
CA LEU A 682 -0.86 -8.13 19.09
C LEU A 682 -1.70 -8.91 20.09
N LEU A 683 -1.05 -9.53 21.08
CA LEU A 683 -1.82 -10.21 22.13
C LEU A 683 -2.66 -9.20 22.92
N VAL A 684 -2.08 -8.05 23.25
CA VAL A 684 -2.83 -7.04 24.00
C VAL A 684 -4.00 -6.51 23.17
N VAL A 685 -3.75 -6.28 21.88
CA VAL A 685 -4.81 -5.80 20.99
C VAL A 685 -5.93 -6.83 20.90
N CYS A 686 -5.55 -8.11 20.79
CA CYS A 686 -6.56 -9.16 20.74
C CYS A 686 -7.36 -9.22 22.04
N LEU A 687 -6.69 -9.04 23.17
CA LEU A 687 -7.41 -9.04 24.45
C LEU A 687 -8.41 -7.90 24.51
N ILE A 688 -7.99 -6.70 24.11
CA ILE A 688 -8.88 -5.54 24.14
C ILE A 688 -10.06 -5.76 23.20
N PHE A 689 -9.78 -6.23 21.99
CA PHE A 689 -10.85 -6.45 21.01
C PHE A 689 -11.82 -7.52 21.49
N SER A 690 -11.31 -8.59 22.12
CA SER A 690 -12.18 -9.64 22.62
C SER A 690 -13.06 -9.12 23.75
N VAL A 691 -12.48 -8.32 24.66
CA VAL A 691 -13.30 -7.77 25.74
C VAL A 691 -14.39 -6.87 25.17
N MET A 692 -14.06 -6.04 24.18
CA MET A 692 -15.06 -5.15 23.61
C MET A 692 -16.12 -5.93 22.84
N ALA A 693 -15.72 -6.99 22.13
CA ALA A 693 -16.66 -7.78 21.34
C ALA A 693 -17.54 -8.65 22.22
N TYR A 694 -17.10 -8.98 23.43
CA TYR A 694 -17.97 -9.69 24.36
C TYR A 694 -19.20 -8.86 24.70
N TYR A 695 -19.02 -7.56 24.88
CA TYR A 695 -20.10 -6.65 25.23
C TYR A 695 -20.78 -6.03 24.01
N TYR A 696 -20.38 -6.42 22.81
CA TYR A 696 -21.02 -5.89 21.61
C TYR A 696 -22.47 -6.35 21.53
N VAL A 697 -23.36 -5.44 21.14
CA VAL A 697 -24.77 -5.74 20.98
C VAL A 697 -25.04 -5.91 19.48
N PRO A 698 -25.30 -7.12 19.00
CA PRO A 698 -25.48 -7.30 17.55
C PRO A 698 -26.69 -6.57 17.03
N LEU A 699 -26.61 -6.15 15.77
CA LEU A 699 -27.72 -5.50 15.11
C LEU A 699 -28.83 -6.52 14.85
N LYS A 700 -30.06 -6.17 15.23
CA LYS A 700 -31.20 -7.05 15.05
C LYS A 700 -32.49 -6.34 15.42
N GLN B 6 29.19 19.01 2.29
CA GLN B 6 29.85 20.31 2.29
C GLN B 6 31.36 20.14 2.16
N LEU B 7 31.99 21.00 1.37
CA LEU B 7 33.41 20.94 1.11
C LEU B 7 33.81 19.57 0.55
N VAL B 8 33.25 19.26 -0.61
CA VAL B 8 33.56 18.02 -1.30
C VAL B 8 34.87 18.19 -2.06
N GLU B 9 35.73 17.18 -2.00
CA GLU B 9 37.02 17.19 -2.68
C GLU B 9 37.13 15.96 -3.56
N SER B 10 37.51 16.16 -4.81
CA SER B 10 37.57 15.09 -5.81
C SER B 10 39.01 14.85 -6.22
N GLY B 11 39.38 13.57 -6.32
CA GLY B 11 40.73 13.20 -6.72
C GLY B 11 40.78 12.09 -7.74
N GLY B 12 41.33 12.38 -8.91
CA GLY B 12 41.49 11.39 -9.97
C GLY B 12 42.84 11.50 -10.65
N GLY B 13 42.96 10.98 -11.87
CA GLY B 13 44.22 11.06 -12.57
C GLY B 13 44.11 10.55 -13.98
N LEU B 14 45.22 10.68 -14.72
CA LEU B 14 45.26 10.26 -16.10
C LEU B 14 45.13 8.75 -16.22
N VAL B 15 44.57 8.31 -17.34
CA VAL B 15 44.38 6.89 -17.64
C VAL B 15 44.64 6.67 -19.13
N GLN B 16 44.71 5.39 -19.52
CA GLN B 16 44.95 5.03 -20.90
C GLN B 16 43.66 4.58 -21.57
N PRO B 17 43.55 4.70 -22.89
CA PRO B 17 42.30 4.31 -23.56
C PRO B 17 41.96 2.86 -23.30
N GLY B 18 40.66 2.60 -23.11
CA GLY B 18 40.18 1.26 -22.84
C GLY B 18 40.38 0.79 -21.42
N GLY B 19 40.97 1.60 -20.55
CA GLY B 19 41.23 1.22 -19.18
C GLY B 19 40.12 1.69 -18.23
N SER B 20 40.27 1.29 -16.98
CA SER B 20 39.32 1.61 -15.92
C SER B 20 39.96 2.55 -14.91
N LEU B 21 39.22 3.57 -14.50
CA LEU B 21 39.67 4.53 -13.51
C LEU B 21 38.65 4.62 -12.40
N ARG B 22 39.11 5.01 -11.21
CA ARG B 22 38.29 5.08 -10.01
C ARG B 22 38.47 6.44 -9.37
N LEU B 23 37.52 7.35 -9.61
CA LEU B 23 37.54 8.65 -8.95
C LEU B 23 37.00 8.51 -7.52
N LEU B 24 37.39 9.46 -6.68
CA LEU B 24 36.99 9.48 -5.28
C LEU B 24 36.54 10.88 -4.90
N CYS B 25 35.43 10.94 -4.16
CA CYS B 25 34.90 12.19 -3.63
C CYS B 25 34.89 12.11 -2.11
N VAL B 26 35.60 13.03 -1.47
CA VAL B 26 35.72 13.06 -0.01
C VAL B 26 34.99 14.29 0.49
N ALA B 27 33.97 14.08 1.32
CA ALA B 27 33.19 15.15 1.91
C ALA B 27 33.56 15.31 3.38
N SER B 28 33.92 16.52 3.76
CA SER B 28 34.35 16.82 5.12
C SER B 28 33.63 18.05 5.63
N GLY B 29 33.17 17.99 6.88
CA GLY B 29 32.55 19.14 7.52
C GLY B 29 31.18 18.84 8.10
N ARG B 30 30.40 18.04 7.40
CA ARG B 30 29.04 17.71 7.80
C ARG B 30 28.76 16.26 7.46
N PRO B 31 27.73 15.65 8.06
CA PRO B 31 27.48 14.23 7.83
C PRO B 31 27.22 13.93 6.37
N PHE B 32 27.65 12.74 5.95
CA PHE B 32 27.51 12.29 4.57
C PHE B 32 26.25 11.48 4.34
N ASN B 33 25.43 11.27 5.36
CA ASN B 33 24.14 10.59 5.21
C ASN B 33 23.00 11.57 5.01
N ASP B 34 23.29 12.87 4.90
CA ASP B 34 22.28 13.90 4.69
C ASP B 34 22.41 14.54 3.32
N TYR B 35 23.14 13.92 2.40
CA TYR B 35 23.47 14.53 1.11
C TYR B 35 23.18 13.56 -0.02
N ASP B 36 22.44 14.05 -1.03
CA ASP B 36 22.36 13.37 -2.31
C ASP B 36 23.52 13.85 -3.17
N MET B 37 24.23 12.90 -3.80
CA MET B 37 25.47 13.19 -4.48
C MET B 37 25.37 12.79 -5.95
N GLY B 38 26.12 13.50 -6.79
CA GLY B 38 26.14 13.22 -8.21
C GLY B 38 27.44 13.66 -8.84
N TRP B 39 27.72 13.09 -10.00
CA TRP B 39 28.96 13.34 -10.73
C TRP B 39 28.64 14.06 -12.05
N PHE B 40 29.42 15.10 -12.33
CA PHE B 40 29.29 15.86 -13.56
C PHE B 40 30.67 16.03 -14.19
N ARG B 41 30.68 16.14 -15.52
CA ARG B 41 31.93 16.35 -16.27
C ARG B 41 31.76 17.56 -17.18
N GLN B 42 32.87 18.27 -17.39
CA GLN B 42 32.90 19.46 -18.23
C GLN B 42 34.06 19.31 -19.22
N ALA B 43 33.80 18.67 -20.35
CA ALA B 43 34.83 18.54 -21.37
C ALA B 43 35.18 19.92 -21.92
N PRO B 44 36.46 20.17 -22.24
CA PRO B 44 36.83 21.51 -22.75
C PRO B 44 35.94 21.96 -23.90
N GLY B 45 35.19 23.04 -23.67
CA GLY B 45 34.28 23.59 -24.65
C GLY B 45 32.82 23.22 -24.44
N LYS B 46 32.55 22.16 -23.67
CA LYS B 46 31.19 21.78 -23.36
C LYS B 46 30.75 22.43 -22.05
N GLU B 47 29.45 22.43 -21.80
CA GLU B 47 28.92 23.13 -20.63
C GLU B 47 29.08 22.28 -19.37
N ARG B 48 28.34 21.17 -19.28
CA ARG B 48 28.50 20.21 -18.22
C ARG B 48 27.59 19.02 -18.51
N GLU B 49 28.09 17.81 -18.31
CA GLU B 49 27.34 16.60 -18.57
C GLU B 49 27.13 15.84 -17.27
N PHE B 50 25.88 15.49 -16.99
CA PHE B 50 25.59 14.56 -15.91
C PHE B 50 26.25 13.22 -16.18
N VAL B 51 26.87 12.64 -15.16
CA VAL B 51 27.58 11.37 -15.28
C VAL B 51 26.88 10.27 -14.48
N ALA B 52 26.72 10.47 -13.17
CA ALA B 52 26.05 9.48 -12.34
C ALA B 52 25.54 10.18 -11.08
N SER B 53 24.59 9.53 -10.42
CA SER B 53 24.02 10.04 -9.18
C SER B 53 23.85 8.90 -8.19
N ILE B 54 23.99 9.22 -6.91
CA ILE B 54 23.78 8.27 -5.82
C ILE B 54 23.02 8.99 -4.72
N SER B 55 21.99 8.34 -4.18
CA SER B 55 21.18 8.97 -3.16
C SER B 55 21.93 8.98 -1.82
N TRP B 56 21.31 9.60 -0.82
CA TRP B 56 21.93 9.68 0.49
C TRP B 56 22.17 8.30 1.08
N SER B 57 21.21 7.39 0.92
CA SER B 57 21.33 6.04 1.46
C SER B 57 22.08 5.09 0.53
N GLY B 58 22.32 5.48 -0.72
CA GLY B 58 22.95 4.61 -1.69
C GLY B 58 22.03 3.62 -2.35
N ARG B 59 20.77 3.51 -1.89
CA ARG B 59 19.85 2.56 -2.50
C ARG B 59 19.56 2.93 -3.95
N VAL B 60 19.36 4.22 -4.22
CA VAL B 60 19.00 4.70 -5.55
C VAL B 60 20.26 5.20 -6.22
N THR B 61 20.55 4.67 -7.41
CA THR B 61 21.70 5.08 -8.20
C THR B 61 21.28 5.18 -9.65
N ASP B 62 21.70 6.26 -10.31
CA ASP B 62 21.36 6.50 -11.71
C ASP B 62 22.62 6.92 -12.46
N TYR B 63 22.65 6.60 -13.75
CA TYR B 63 23.77 6.92 -14.61
C TYR B 63 23.26 7.55 -15.90
N SER B 64 24.04 8.47 -16.45
CA SER B 64 23.67 9.12 -17.69
C SER B 64 23.55 8.07 -18.80
N ASP B 65 22.99 8.49 -19.93
CA ASP B 65 22.85 7.59 -21.06
C ASP B 65 24.21 7.06 -21.51
N SER B 66 25.20 7.95 -21.60
CA SER B 66 26.54 7.53 -22.00
C SER B 66 27.14 6.57 -20.99
N MET B 67 27.43 7.05 -19.78
CA MET B 67 28.09 6.26 -18.74
C MET B 67 29.15 5.35 -19.38
N LYS B 68 30.13 6.01 -20.01
CA LYS B 68 30.93 5.41 -21.06
C LYS B 68 31.28 3.96 -20.73
N GLY B 69 30.84 3.05 -21.60
CA GLY B 69 31.02 1.64 -21.37
C GLY B 69 30.12 1.15 -20.25
N ARG B 70 30.48 1.54 -19.03
CA ARG B 70 29.69 1.26 -17.85
C ARG B 70 30.30 2.01 -16.68
N CYS B 71 29.46 2.41 -15.74
CA CYS B 71 29.88 3.09 -14.53
C CYS B 71 29.29 2.36 -13.32
N THR B 72 29.84 2.66 -12.15
CA THR B 72 29.33 2.11 -10.90
C THR B 72 29.69 3.09 -9.80
N VAL B 73 28.71 3.89 -9.37
CA VAL B 73 28.88 4.85 -8.30
C VAL B 73 28.40 4.20 -7.00
N SER B 74 29.06 4.53 -5.90
CA SER B 74 28.71 3.98 -4.60
C SER B 74 29.42 4.80 -3.53
N ARG B 75 28.75 5.01 -2.41
CA ARG B 75 29.25 5.86 -1.34
C ARG B 75 29.50 5.04 -0.08
N ASP B 76 30.27 5.65 0.82
CA ASP B 76 30.54 5.09 2.14
C ASP B 76 30.28 6.21 3.15
N ASN B 77 29.09 6.21 3.75
CA ASN B 77 28.68 7.31 4.60
C ASN B 77 29.67 7.53 5.75
N ALA B 78 30.36 6.47 6.17
CA ALA B 78 31.42 6.61 7.16
C ALA B 78 32.70 7.08 6.47
N LYS B 79 33.24 8.20 6.94
CA LYS B 79 34.39 8.90 6.36
C LYS B 79 34.02 9.67 5.09
N GLY B 80 32.78 9.56 4.61
CA GLY B 80 32.30 10.39 3.53
C GLY B 80 33.06 10.26 2.23
N THR B 81 33.32 9.03 1.79
CA THR B 81 34.02 8.78 0.53
C THR B 81 33.04 8.18 -0.47
N MET B 82 32.89 8.84 -1.62
CA MET B 82 32.09 8.35 -2.73
C MET B 82 32.99 8.22 -3.95
N PHE B 83 32.85 7.12 -4.69
CA PHE B 83 33.75 6.80 -5.78
C PHE B 83 32.94 6.41 -7.02
N LEU B 84 33.52 6.73 -8.18
CA LEU B 84 32.95 6.41 -9.48
C LEU B 84 33.87 5.44 -10.19
N GLN B 85 33.30 4.36 -10.71
CA GLN B 85 34.07 3.26 -11.31
C GLN B 85 33.73 3.16 -12.80
N MET B 86 34.50 3.86 -13.63
CA MET B 86 34.38 3.75 -15.08
C MET B 86 35.28 2.64 -15.58
N SER B 87 34.81 1.89 -16.57
CA SER B 87 35.50 0.70 -17.03
C SER B 87 36.04 0.83 -18.46
N ASN B 88 35.18 1.07 -19.44
CA ASN B 88 35.61 1.13 -20.84
C ASN B 88 35.69 2.60 -21.27
N LEU B 89 36.77 3.25 -20.85
CA LEU B 89 36.99 4.65 -21.20
C LEU B 89 37.50 4.76 -22.63
N VAL B 90 36.87 5.66 -23.40
CA VAL B 90 37.17 5.84 -24.81
C VAL B 90 37.76 7.23 -24.99
N PRO B 91 38.19 7.62 -26.20
CA PRO B 91 38.82 8.93 -26.37
C PRO B 91 37.95 10.10 -25.94
N ARG B 92 36.64 9.89 -25.82
CA ARG B 92 35.75 10.90 -25.27
C ARG B 92 35.92 10.93 -23.74
N ASP B 93 35.04 11.66 -23.06
CA ASP B 93 35.04 11.75 -21.60
C ASP B 93 36.42 12.13 -21.04
N THR B 94 37.21 12.84 -21.85
CA THR B 94 38.48 13.39 -21.39
C THR B 94 38.21 14.78 -20.79
N ALA B 95 37.53 14.76 -19.64
CA ALA B 95 36.97 15.97 -19.06
C ALA B 95 37.25 16.00 -17.57
N VAL B 96 37.19 17.20 -17.00
CA VAL B 96 37.26 17.35 -15.55
C VAL B 96 35.96 16.88 -14.94
N TYR B 97 36.06 15.98 -13.96
CA TYR B 97 34.89 15.37 -13.33
C TYR B 97 34.60 16.11 -12.02
N TYR B 98 33.44 16.74 -11.95
CA TYR B 98 33.03 17.46 -10.76
C TYR B 98 32.22 16.55 -9.85
N CYS B 99 32.29 16.84 -8.55
CA CYS B 99 31.50 16.15 -7.54
C CYS B 99 30.50 17.16 -6.98
N ALA B 100 29.21 16.80 -7.04
CA ALA B 100 28.14 17.69 -6.61
C ALA B 100 27.41 17.05 -5.43
N ALA B 101 27.17 17.85 -4.39
CA ALA B 101 26.51 17.38 -3.17
C ALA B 101 25.27 18.22 -2.91
N ALA B 102 24.14 17.55 -2.69
CA ALA B 102 22.89 18.21 -2.41
C ALA B 102 22.31 17.65 -1.11
N ARG B 103 21.89 18.54 -0.22
CA ARG B 103 21.29 18.11 1.03
C ARG B 103 19.99 17.35 0.76
N ARG B 104 19.50 16.69 1.80
CA ARG B 104 18.21 16.02 1.72
C ARG B 104 17.09 17.06 1.82
N ARG B 105 16.12 16.98 0.92
CA ARG B 105 15.01 17.92 0.92
C ARG B 105 13.95 17.44 -0.05
N TRP B 106 12.73 17.93 0.14
CA TRP B 106 11.64 17.69 -0.77
C TRP B 106 11.73 18.67 -1.92
N THR B 107 11.77 18.16 -3.15
CA THR B 107 11.90 19.02 -4.31
C THR B 107 11.50 18.24 -5.55
N PHE B 108 11.04 18.98 -6.57
CA PHE B 108 10.71 18.41 -7.86
C PHE B 108 11.81 18.63 -8.89
N LYS B 109 12.94 19.21 -8.49
CA LYS B 109 14.06 19.35 -9.41
C LYS B 109 14.58 17.99 -9.84
N ALA B 110 14.91 17.86 -11.11
CA ALA B 110 15.46 16.61 -11.62
C ALA B 110 16.79 16.32 -10.92
N THR B 111 16.93 15.09 -10.43
CA THR B 111 18.14 14.70 -9.73
C THR B 111 19.35 14.63 -10.65
N ASN B 112 19.14 14.65 -11.96
CA ASN B 112 20.21 14.54 -12.94
C ASN B 112 20.53 15.89 -13.60
N THR B 113 20.35 16.99 -12.87
CA THR B 113 20.60 18.33 -13.37
C THR B 113 21.49 19.08 -12.40
N GLU B 114 22.13 20.13 -12.90
CA GLU B 114 23.01 20.94 -12.06
C GLU B 114 22.21 21.78 -11.07
N GLU B 115 21.03 22.25 -11.47
CA GLU B 115 20.21 23.06 -10.58
C GLU B 115 19.90 22.32 -9.29
N PHE B 116 19.77 20.99 -9.35
CA PHE B 116 19.44 20.22 -8.16
C PHE B 116 20.53 20.33 -7.10
N TYR B 117 21.79 20.31 -7.52
CA TYR B 117 22.91 20.28 -6.58
C TYR B 117 23.41 21.69 -6.29
N GLU B 118 23.76 21.94 -5.04
CA GLU B 118 24.15 23.26 -4.58
C GLU B 118 25.62 23.37 -4.20
N THR B 119 26.28 22.27 -3.87
CA THR B 119 27.69 22.26 -3.50
C THR B 119 28.47 21.53 -4.58
N TRP B 120 29.49 22.20 -5.12
CA TRP B 120 30.30 21.67 -6.21
C TRP B 120 31.74 21.58 -5.76
N GLY B 121 32.38 20.45 -6.05
CA GLY B 121 33.79 20.25 -5.75
C GLY B 121 34.66 20.82 -6.84
N GLN B 122 35.91 20.36 -6.85
CA GLN B 122 36.88 20.75 -7.85
C GLN B 122 37.10 19.62 -8.85
N GLY B 123 37.42 19.99 -10.08
CA GLY B 123 37.54 19.01 -11.13
C GLY B 123 38.80 18.16 -11.01
N THR B 124 38.83 17.11 -11.84
CA THR B 124 39.96 16.20 -11.90
C THR B 124 40.14 15.78 -13.35
N GLN B 125 41.23 16.21 -13.97
CA GLN B 125 41.47 15.96 -15.38
C GLN B 125 41.80 14.48 -15.58
N VAL B 126 40.81 13.71 -16.02
CA VAL B 126 41.01 12.31 -16.38
C VAL B 126 41.07 12.25 -17.90
N THR B 127 42.28 12.37 -18.43
CA THR B 127 42.48 12.32 -19.87
C THR B 127 42.58 10.89 -20.36
N VAL B 128 42.40 10.71 -21.67
CA VAL B 128 42.46 9.40 -22.28
C VAL B 128 43.16 9.50 -23.63
C1X A1APP C . -7.62 -2.87 0.80
C2X A1APP C . -7.58 -4.06 1.71
C3X A1APP C . -7.96 -4.06 2.99
C4X A1APP C . -6.90 -6.50 1.88
C5X A1APP C . -6.15 -5.52 0.19
C6X A1APP C . -9.07 -3.20 3.54
C7X A1APP C . -7.32 -4.96 4.03
C8X A1APP C . -5.99 -6.97 0.70
C9X A1APP C . -4.29 -8.69 0.93
N1X A1APP C . -7.11 -5.24 1.14
N2X A1APP C . -4.65 -7.41 1.00
N3X A1APP C . -2.76 -10.51 1.38
O1X A1APP C . -7.31 -1.76 1.31
O2X A1APP C . -7.95 -3.06 -0.40
O3X A1APP C . -5.65 -4.84 -0.70
O4X A1APP C . -5.07 -9.58 0.57
O5X A1APP C . -1.33 -6.62 6.22
S1X A1APP C . -6.10 -6.18 3.45
C10X A1APP C . -2.85 -9.02 1.31
C11X A1APP C . -2.44 -8.38 2.62
C12X A1APP C . -3.36 -8.22 3.66
C13X A1APP C . -1.14 -7.93 2.83
C14X A1APP C . -2.99 -7.64 4.85
C15X A1APP C . -0.76 -7.35 4.02
C16X A1APP C . -1.69 -7.19 5.04
H1X A1APP C . -7.80 -7.09 2.05
H4X A1APP C . -9.36 -3.49 4.54
H3X A1APP C . -9.95 -3.28 2.91
H2X A1APP C . -8.78 -2.15 3.57
H5X A1APP C . -6.76 -4.35 4.74
H6X A1APP C . -8.08 -5.50 4.59
H7X A1APP C . -6.51 -7.68 0.06
H8X A1APP C . -3.99 -6.68 1.26
H10X A1APP C . -2.13 -10.81 2.13
H11X A1APP C . -2.41 -10.89 0.51
H16X A1APP C . -1.74 -5.72 6.28
H9X A1APP C . -2.20 -8.68 0.51
H12X A1APP C . -4.39 -8.56 3.54
H13X A1APP C . -0.40 -8.04 2.04
H14X A1APP C . -3.73 -7.52 5.64
H15X A1APP C . 0.26 -7.02 4.14
#